data_2DTX
#
_entry.id   2DTX
#
_cell.length_a   81.879
_cell.length_b   81.879
_cell.length_c   138.279
_cell.angle_alpha   90.00
_cell.angle_beta   90.00
_cell.angle_gamma   120.00
#
_symmetry.space_group_name_H-M   'P 32 2 1'
#
loop_
_entity.id
_entity.type
_entity.pdbx_description
1 polymer 'Glucose 1-dehydrogenase related protein'
2 non-polymer beta-D-mannopyranose
3 non-polymer 'SULFATE ION'
4 water water
#
_entity_poly.entity_id   1
_entity_poly.type   'polypeptide(L)'
_entity_poly.pdbx_seq_one_letter_code
;MGFSDLRDKVVIVTGASMGIGRAIAERFVDEGSKVIDLSIHDPGEAKYDHIECDVTNPDQVKASIDHIFKEYGSISVLVN
NAGIESYGKIESMSMGEWRRIIDVNLFGYYYASKFAIPYMIRSRDPSIVNISSVQASIITKNASAYVTSKHAVIGLTKSI
ALDYAPLLRCNAVCPATIDTPLVRKAAELEVGSDPMRIEKKISEWGHEHPMQRIGKPQEVASAVAFLASREASFITGTCL
YVDGGLSIRAPISTPELEHHHHHH
;
_entity_poly.pdbx_strand_id   A,B
#
# COMPACT_ATOMS: atom_id res chain seq x y z
N GLY A 2 9.05 2.02 -32.27
CA GLY A 2 9.41 2.36 -30.88
C GLY A 2 9.04 3.77 -30.50
N PHE A 3 9.62 4.26 -29.40
CA PHE A 3 9.35 5.61 -28.92
C PHE A 3 10.62 6.45 -29.08
N SER A 4 10.72 7.06 -30.27
CA SER A 4 11.86 7.87 -30.65
C SER A 4 12.32 8.90 -29.64
N ASP A 5 11.40 9.45 -28.86
CA ASP A 5 11.76 10.48 -27.91
C ASP A 5 12.70 9.99 -26.80
N LEU A 6 12.78 8.68 -26.61
CA LEU A 6 13.62 8.10 -25.57
C LEU A 6 15.09 8.07 -25.97
N ARG A 7 15.38 8.23 -27.26
CA ARG A 7 16.77 8.18 -27.69
C ARG A 7 17.66 9.22 -27.02
N ASP A 8 18.85 8.74 -26.61
CA ASP A 8 19.87 9.52 -25.94
C ASP A 8 19.55 9.99 -24.52
N LYS A 9 18.35 9.70 -24.03
CA LYS A 9 17.97 10.10 -22.69
C LYS A 9 18.56 9.16 -21.66
N VAL A 10 18.86 9.71 -20.49
CA VAL A 10 19.45 8.93 -19.40
C VAL A 10 18.32 8.25 -18.64
N VAL A 11 18.43 6.92 -18.56
CA VAL A 11 17.43 6.07 -17.93
C VAL A 11 18.08 5.18 -16.87
N ILE A 12 17.56 5.26 -15.66
CA ILE A 12 18.07 4.44 -14.56
C ILE A 12 17.02 3.34 -14.33
N VAL A 13 17.47 2.09 -14.26
CA VAL A 13 16.55 0.99 -13.96
C VAL A 13 17.12 0.22 -12.76
N THR A 14 16.31 0.02 -11.72
CA THR A 14 16.83 -0.74 -10.58
C THR A 14 16.52 -2.22 -10.74
N GLY A 15 17.41 -3.07 -10.22
CA GLY A 15 17.20 -4.50 -10.31
C GLY A 15 17.11 -4.98 -11.75
N ALA A 16 18.06 -4.53 -12.57
CA ALA A 16 18.06 -4.86 -13.99
C ALA A 16 19.10 -5.87 -14.45
N SER A 17 19.52 -6.74 -13.55
CA SER A 17 20.49 -7.75 -13.91
C SER A 17 19.85 -9.02 -14.47
N MET A 18 18.55 -9.21 -14.19
CA MET A 18 17.83 -10.38 -14.69
C MET A 18 16.34 -10.08 -14.84
N GLY A 19 15.60 -11.06 -15.36
CA GLY A 19 14.15 -10.96 -15.52
C GLY A 19 13.57 -9.71 -16.14
N ILE A 20 12.47 -9.24 -15.56
CA ILE A 20 11.80 -8.06 -16.07
C ILE A 20 12.73 -6.86 -16.11
N GLY A 21 13.52 -6.66 -15.06
CA GLY A 21 14.42 -5.52 -15.02
C GLY A 21 15.41 -5.54 -16.17
N ARG A 22 15.95 -6.72 -16.49
CA ARG A 22 16.89 -6.80 -17.58
C ARG A 22 16.17 -6.53 -18.90
N ALA A 23 14.94 -7.02 -19.02
CA ALA A 23 14.17 -6.81 -20.23
C ALA A 23 13.89 -5.32 -20.42
N ILE A 24 13.61 -4.63 -19.32
CA ILE A 24 13.35 -3.19 -19.40
C ILE A 24 14.62 -2.46 -19.82
N ALA A 25 15.73 -2.80 -19.19
CA ALA A 25 17.00 -2.15 -19.54
C ALA A 25 17.32 -2.37 -21.03
N GLU A 26 17.15 -3.59 -21.51
CA GLU A 26 17.44 -3.90 -22.91
C GLU A 26 16.53 -3.15 -23.88
N ARG A 27 15.25 -3.01 -23.52
CA ARG A 27 14.32 -2.26 -24.38
C ARG A 27 14.77 -0.80 -24.48
N PHE A 28 15.11 -0.18 -23.36
CA PHE A 28 15.59 1.20 -23.44
C PHE A 28 16.88 1.29 -24.26
N VAL A 29 17.76 0.31 -24.15
CA VAL A 29 18.99 0.34 -24.95
C VAL A 29 18.57 0.30 -26.43
N ASP A 30 17.60 -0.54 -26.76
CA ASP A 30 17.14 -0.63 -28.15
C ASP A 30 16.51 0.68 -28.62
N GLU A 31 15.95 1.46 -27.69
CA GLU A 31 15.35 2.74 -28.03
C GLU A 31 16.41 3.82 -28.19
N GLY A 32 17.66 3.46 -27.92
CA GLY A 32 18.74 4.42 -28.04
C GLY A 32 19.07 5.21 -26.78
N SER A 33 18.47 4.85 -25.65
CA SER A 33 18.73 5.55 -24.41
C SER A 33 20.08 5.16 -23.81
N LYS A 34 20.55 5.97 -22.87
CA LYS A 34 21.78 5.73 -22.12
C LYS A 34 21.23 5.13 -20.83
N VAL A 35 21.41 3.82 -20.66
CA VAL A 35 20.85 3.09 -19.53
C VAL A 35 21.85 2.69 -18.44
N ILE A 36 21.44 2.86 -17.19
CA ILE A 36 22.27 2.47 -16.06
C ILE A 36 21.45 1.60 -15.12
N ASP A 37 21.97 0.42 -14.83
CA ASP A 37 21.35 -0.55 -13.94
C ASP A 37 21.86 -0.36 -12.53
N LEU A 38 20.96 -0.25 -11.56
CA LEU A 38 21.38 -0.15 -10.15
C LEU A 38 20.94 -1.47 -9.51
N SER A 39 21.90 -2.34 -9.21
CA SER A 39 21.56 -3.61 -8.61
C SER A 39 22.76 -4.17 -7.86
N ILE A 40 22.51 -5.18 -7.04
CA ILE A 40 23.61 -5.79 -6.28
C ILE A 40 24.39 -6.82 -7.11
N HIS A 41 23.78 -7.32 -8.19
CA HIS A 41 24.44 -8.30 -9.06
C HIS A 41 24.93 -7.67 -10.34
N ASP A 42 26.08 -8.14 -10.82
CA ASP A 42 26.64 -7.62 -12.07
C ASP A 42 25.91 -8.30 -13.23
N PRO A 43 25.30 -7.50 -14.13
CA PRO A 43 24.57 -8.04 -15.27
C PRO A 43 25.46 -8.77 -16.27
N GLY A 44 26.75 -8.83 -15.96
CA GLY A 44 27.69 -9.49 -16.86
C GLY A 44 27.80 -8.67 -18.12
N GLU A 45 28.19 -9.30 -19.22
CA GLU A 45 28.31 -8.58 -20.49
C GLU A 45 26.95 -8.06 -20.92
N ALA A 46 26.73 -6.76 -20.71
CA ALA A 46 25.46 -6.13 -21.08
C ALA A 46 25.77 -4.86 -21.85
N LYS A 47 24.79 -4.39 -22.62
CA LYS A 47 24.97 -3.18 -23.39
C LYS A 47 24.71 -1.95 -22.55
N TYR A 48 24.17 -2.15 -21.35
CA TYR A 48 23.92 -1.02 -20.48
C TYR A 48 24.96 -0.93 -19.36
N ASP A 49 25.04 0.23 -18.74
CA ASP A 49 26.00 0.50 -17.67
C ASP A 49 25.45 -0.13 -16.39
N HIS A 50 26.31 -0.32 -15.39
CA HIS A 50 25.88 -0.90 -14.12
C HIS A 50 26.65 -0.30 -12.97
N ILE A 51 25.96 -0.08 -11.86
CA ILE A 51 26.58 0.42 -10.64
C ILE A 51 26.11 -0.50 -9.54
N GLU A 52 27.05 -1.03 -8.76
CA GLU A 52 26.71 -1.93 -7.67
C GLU A 52 25.93 -1.08 -6.66
N CYS A 53 24.69 -1.46 -6.40
CA CYS A 53 23.87 -0.68 -5.49
C CYS A 53 22.76 -1.49 -4.85
N ASP A 54 22.67 -1.41 -3.53
CA ASP A 54 21.64 -2.09 -2.74
C ASP A 54 20.56 -1.02 -2.50
N VAL A 55 19.39 -1.20 -3.10
CA VAL A 55 18.33 -0.20 -2.95
C VAL A 55 17.82 0.02 -1.54
N THR A 56 18.15 -0.86 -0.60
CA THR A 56 17.70 -0.64 0.78
C THR A 56 18.66 0.27 1.55
N ASN A 57 19.78 0.62 0.93
CA ASN A 57 20.78 1.49 1.54
C ASN A 57 20.60 2.87 0.90
N PRO A 58 19.92 3.79 1.61
CA PRO A 58 19.71 5.13 1.05
C PRO A 58 20.97 5.90 0.72
N ASP A 59 22.04 5.68 1.48
CA ASP A 59 23.27 6.39 1.19
C ASP A 59 23.92 5.91 -0.10
N GLN A 60 23.90 4.61 -0.34
CA GLN A 60 24.46 4.07 -1.57
C GLN A 60 23.57 4.48 -2.74
N VAL A 61 22.25 4.49 -2.54
CA VAL A 61 21.35 4.89 -3.61
C VAL A 61 21.62 6.35 -3.97
N LYS A 62 21.70 7.22 -2.96
CA LYS A 62 21.98 8.63 -3.19
C LYS A 62 23.32 8.79 -3.93
N ALA A 63 24.36 8.15 -3.42
CA ALA A 63 25.68 8.26 -4.07
C ALA A 63 25.68 7.82 -5.51
N SER A 64 25.00 6.71 -5.79
CA SER A 64 24.93 6.18 -7.15
C SER A 64 24.22 7.13 -8.11
N ILE A 65 23.11 7.69 -7.66
CA ILE A 65 22.35 8.64 -8.46
C ILE A 65 23.13 9.95 -8.65
N ASP A 66 23.79 10.43 -7.58
CA ASP A 66 24.60 11.65 -7.71
C ASP A 66 25.67 11.40 -8.77
N HIS A 67 26.28 10.22 -8.73
CA HIS A 67 27.32 9.87 -9.69
C HIS A 67 26.79 9.84 -11.11
N ILE A 68 25.62 9.25 -11.31
CA ILE A 68 25.05 9.21 -12.64
C ILE A 68 24.79 10.60 -13.19
N PHE A 69 24.24 11.49 -12.37
CA PHE A 69 23.96 12.83 -12.86
C PHE A 69 25.25 13.54 -13.25
N LYS A 70 26.29 13.35 -12.45
CA LYS A 70 27.58 13.99 -12.73
C LYS A 70 28.22 13.44 -14.00
N GLU A 71 28.13 12.13 -14.19
CA GLU A 71 28.72 11.47 -15.35
C GLU A 71 27.96 11.68 -16.66
N TYR A 72 26.64 11.64 -16.59
CA TYR A 72 25.81 11.76 -17.79
C TYR A 72 25.19 13.13 -18.04
N GLY A 73 25.11 13.98 -17.02
CA GLY A 73 24.56 15.32 -17.18
C GLY A 73 23.08 15.53 -16.97
N SER A 74 22.34 14.42 -16.84
CA SER A 74 20.91 14.53 -16.62
C SER A 74 20.36 13.16 -16.24
N ILE A 75 19.10 13.16 -15.82
CA ILE A 75 18.38 11.91 -15.55
C ILE A 75 16.97 12.21 -16.00
N SER A 76 16.51 11.50 -17.02
CA SER A 76 15.16 11.72 -17.58
C SER A 76 14.13 10.68 -17.15
N VAL A 77 14.57 9.44 -16.96
CA VAL A 77 13.64 8.38 -16.58
C VAL A 77 14.20 7.52 -15.47
N LEU A 78 13.35 7.17 -14.50
CA LEU A 78 13.74 6.26 -13.44
C LEU A 78 12.70 5.15 -13.43
N VAL A 79 13.17 3.90 -13.54
CA VAL A 79 12.28 2.76 -13.48
C VAL A 79 12.62 2.01 -12.21
N ASN A 80 11.69 2.02 -11.25
CA ASN A 80 11.88 1.28 -10.00
C ASN A 80 11.34 -0.12 -10.24
N ASN A 81 12.23 -1.11 -10.14
CA ASN A 81 11.87 -2.49 -10.40
C ASN A 81 12.39 -3.52 -9.38
N ALA A 82 13.53 -3.25 -8.77
CA ALA A 82 14.12 -4.17 -7.80
C ALA A 82 13.10 -4.64 -6.77
N GLY A 83 13.00 -5.95 -6.61
CA GLY A 83 12.05 -6.46 -5.63
C GLY A 83 12.31 -7.90 -5.31
N ILE A 84 11.68 -8.37 -4.24
CA ILE A 84 11.81 -9.75 -3.80
C ILE A 84 10.48 -10.31 -3.32
N GLU A 85 10.44 -11.64 -3.17
CA GLU A 85 9.26 -12.30 -2.65
C GLU A 85 9.63 -13.61 -1.98
N SER A 86 9.11 -13.78 -0.76
CA SER A 86 9.27 -14.97 0.05
C SER A 86 7.85 -15.24 0.50
N TYR A 87 7.53 -16.48 0.87
CA TYR A 87 6.17 -16.80 1.27
C TYR A 87 5.97 -17.14 2.73
N GLY A 88 4.75 -16.98 3.21
CA GLY A 88 4.47 -17.29 4.60
C GLY A 88 3.30 -16.55 5.19
N LYS A 89 2.60 -17.22 6.09
CA LYS A 89 1.46 -16.65 6.77
C LYS A 89 2.04 -15.60 7.73
N ILE A 90 1.25 -14.60 8.05
CA ILE A 90 1.70 -13.54 8.95
C ILE A 90 2.20 -14.13 10.26
N GLU A 91 1.73 -15.33 10.60
CA GLU A 91 2.13 -16.00 11.83
C GLU A 91 3.40 -16.83 11.72
N SER A 92 3.75 -17.24 10.51
CA SER A 92 4.94 -18.04 10.30
C SER A 92 6.17 -17.23 9.90
N MET A 93 5.99 -16.27 9.00
CA MET A 93 7.12 -15.46 8.56
C MET A 93 7.64 -14.63 9.72
N SER A 94 8.96 -14.58 9.88
CA SER A 94 9.53 -13.80 10.95
C SER A 94 9.25 -12.33 10.68
N MET A 95 9.23 -11.52 11.74
CA MET A 95 8.97 -10.10 11.58
C MET A 95 10.09 -9.47 10.76
N GLY A 96 11.31 -9.99 10.93
CA GLY A 96 12.43 -9.47 10.17
C GLY A 96 12.29 -9.66 8.66
N GLU A 97 11.85 -10.84 8.25
CA GLU A 97 11.72 -11.12 6.83
C GLU A 97 10.55 -10.32 6.24
N TRP A 98 9.48 -10.16 7.01
CA TRP A 98 8.31 -9.39 6.57
C TRP A 98 8.77 -7.94 6.32
N ARG A 99 9.49 -7.39 7.29
CA ARG A 99 10.01 -6.03 7.18
C ARG A 99 11.00 -5.92 6.02
N ARG A 100 11.82 -6.94 5.82
CA ARG A 100 12.78 -6.90 4.72
C ARG A 100 12.09 -6.78 3.38
N ILE A 101 10.97 -7.48 3.20
CA ILE A 101 10.25 -7.40 1.95
C ILE A 101 9.73 -5.98 1.73
N ILE A 102 9.23 -5.34 2.78
CA ILE A 102 8.75 -3.96 2.68
C ILE A 102 9.96 -3.05 2.37
N ASP A 103 11.10 -3.35 2.99
CA ASP A 103 12.28 -2.52 2.78
C ASP A 103 12.72 -2.48 1.33
N VAL A 104 12.80 -3.65 0.71
CA VAL A 104 13.21 -3.70 -0.69
C VAL A 104 12.12 -3.18 -1.63
N ASN A 105 10.93 -3.77 -1.50
CA ASN A 105 9.83 -3.46 -2.40
C ASN A 105 9.20 -2.09 -2.31
N LEU A 106 9.22 -1.49 -1.13
CA LEU A 106 8.66 -0.15 -0.98
C LEU A 106 9.74 0.90 -0.70
N PHE A 107 10.53 0.68 0.35
CA PHE A 107 11.53 1.69 0.67
C PHE A 107 12.58 1.88 -0.43
N GLY A 108 12.88 0.83 -1.17
CA GLY A 108 13.83 0.95 -2.28
C GLY A 108 13.30 1.93 -3.32
N TYR A 109 11.99 1.87 -3.58
CA TYR A 109 11.36 2.76 -4.55
C TYR A 109 11.36 4.19 -4.00
N TYR A 110 11.10 4.32 -2.70
CA TYR A 110 11.08 5.62 -2.05
C TYR A 110 12.48 6.27 -2.10
N TYR A 111 13.52 5.53 -1.78
CA TYR A 111 14.88 6.10 -1.80
C TYR A 111 15.31 6.50 -3.21
N ALA A 112 15.15 5.60 -4.18
CA ALA A 112 15.57 5.94 -5.55
C ALA A 112 14.81 7.15 -6.05
N SER A 113 13.50 7.19 -5.81
CA SER A 113 12.70 8.33 -6.25
C SER A 113 13.10 9.61 -5.55
N LYS A 114 13.28 9.53 -4.24
CA LYS A 114 13.63 10.71 -3.48
C LYS A 114 14.92 11.37 -3.95
N PHE A 115 15.93 10.55 -4.25
CA PHE A 115 17.20 11.12 -4.67
C PHE A 115 17.29 11.45 -6.15
N ALA A 116 16.49 10.78 -6.99
CA ALA A 116 16.53 11.08 -8.41
C ALA A 116 15.70 12.30 -8.79
N ILE A 117 14.57 12.49 -8.12
CA ILE A 117 13.66 13.57 -8.47
C ILE A 117 14.28 14.97 -8.61
N PRO A 118 15.08 15.43 -7.64
CA PRO A 118 15.69 16.77 -7.78
C PRO A 118 16.44 16.95 -9.10
N TYR A 119 17.13 15.90 -9.53
CA TYR A 119 17.86 15.95 -10.79
C TYR A 119 16.93 15.85 -11.98
N MET A 120 15.93 14.97 -11.87
CA MET A 120 15.00 14.77 -12.95
C MET A 120 14.22 16.02 -13.36
N ILE A 121 13.83 16.83 -12.37
CA ILE A 121 13.08 18.02 -12.67
C ILE A 121 13.94 19.07 -13.36
N ARG A 122 15.23 18.80 -13.48
CA ARG A 122 16.12 19.73 -14.16
C ARG A 122 16.12 19.38 -15.66
N SER A 123 15.45 18.29 -16.00
CA SER A 123 15.33 17.87 -17.40
C SER A 123 13.90 18.14 -17.89
N ARG A 124 13.70 18.05 -19.20
CA ARG A 124 12.39 18.29 -19.80
C ARG A 124 11.53 17.03 -19.78
N ASP A 125 10.32 17.16 -19.24
CA ASP A 125 9.38 16.05 -19.16
C ASP A 125 9.90 14.67 -18.71
N PRO A 126 10.47 14.64 -17.50
CA PRO A 126 11.02 13.43 -16.89
C PRO A 126 9.85 12.53 -16.50
N SER A 127 10.12 11.24 -16.33
N SER A 127 10.13 11.26 -16.28
CA SER A 127 9.08 10.28 -16.01
CA SER A 127 9.08 10.36 -15.88
C SER A 127 9.59 9.13 -15.15
C SER A 127 9.64 9.22 -15.05
N ILE A 128 8.81 8.75 -14.14
CA ILE A 128 9.18 7.62 -13.28
C ILE A 128 8.15 6.52 -13.55
N VAL A 129 8.63 5.30 -13.69
CA VAL A 129 7.72 4.15 -13.85
C VAL A 129 8.04 3.16 -12.74
N ASN A 130 7.03 2.83 -11.94
CA ASN A 130 7.21 1.89 -10.83
C ASN A 130 6.60 0.54 -11.17
N ILE A 131 7.35 -0.54 -10.97
CA ILE A 131 6.77 -1.85 -11.25
C ILE A 131 6.06 -2.35 -10.00
N SER A 132 4.74 -2.46 -10.09
CA SER A 132 3.95 -2.96 -8.98
C SER A 132 3.61 -4.42 -9.31
N SER A 133 2.32 -4.76 -9.34
CA SER A 133 1.90 -6.14 -9.60
C SER A 133 0.40 -6.19 -9.81
N VAL A 134 -0.06 -7.25 -10.47
CA VAL A 134 -1.51 -7.41 -10.60
C VAL A 134 -2.02 -7.59 -9.16
N GLN A 135 -1.12 -7.94 -8.25
CA GLN A 135 -1.51 -8.12 -6.86
C GLN A 135 -1.75 -6.82 -6.08
N ALA A 136 -1.75 -5.70 -6.81
CA ALA A 136 -2.17 -4.43 -6.20
C ALA A 136 -3.72 -4.50 -6.22
N SER A 137 -4.27 -5.48 -6.93
N SER A 137 -4.28 -5.48 -6.93
CA SER A 137 -5.72 -5.66 -7.01
CA SER A 137 -5.73 -5.65 -7.02
C SER A 137 -6.18 -7.03 -6.53
C SER A 137 -6.20 -7.02 -6.55
N ILE A 138 -5.85 -8.07 -7.30
CA ILE A 138 -6.23 -9.45 -6.93
C ILE A 138 -4.98 -10.15 -6.41
N ILE A 139 -5.12 -10.80 -5.26
CA ILE A 139 -3.96 -11.33 -4.56
C ILE A 139 -3.82 -12.83 -4.36
N THR A 140 -2.61 -13.23 -3.97
CA THR A 140 -2.33 -14.64 -3.73
C THR A 140 -2.23 -14.91 -2.23
N LYS A 141 -2.33 -16.19 -1.85
CA LYS A 141 -2.27 -16.57 -0.45
C LYS A 141 -0.83 -16.69 0.05
N ASN A 142 -0.67 -16.50 1.35
CA ASN A 142 0.63 -16.59 2.03
C ASN A 142 1.65 -15.64 1.45
N ALA A 143 1.18 -14.46 1.05
CA ALA A 143 2.05 -13.46 0.46
C ALA A 143 1.81 -12.08 1.07
N SER A 144 1.51 -12.07 2.36
CA SER A 144 1.21 -10.87 3.14
C SER A 144 2.15 -9.69 2.85
N ALA A 145 3.43 -9.87 3.10
CA ALA A 145 4.38 -8.77 2.91
C ALA A 145 4.46 -8.31 1.46
N TYR A 146 4.50 -9.27 0.54
CA TYR A 146 4.63 -8.93 -0.87
C TYR A 146 3.39 -8.14 -1.31
N VAL A 147 2.22 -8.66 -1.00
CA VAL A 147 0.97 -8.01 -1.37
C VAL A 147 0.88 -6.61 -0.76
N THR A 148 1.25 -6.49 0.50
CA THR A 148 1.22 -5.20 1.18
C THR A 148 2.16 -4.22 0.46
N SER A 149 3.36 -4.68 0.15
CA SER A 149 4.32 -3.79 -0.52
C SER A 149 3.85 -3.33 -1.89
N LYS A 150 3.15 -4.19 -2.62
CA LYS A 150 2.72 -3.79 -3.97
C LYS A 150 1.58 -2.79 -3.94
N HIS A 151 0.72 -2.89 -2.92
CA HIS A 151 -0.34 -1.90 -2.73
C HIS A 151 0.34 -0.57 -2.35
N ALA A 152 1.35 -0.64 -1.47
CA ALA A 152 2.06 0.56 -1.05
C ALA A 152 2.66 1.27 -2.25
N VAL A 153 3.23 0.50 -3.18
CA VAL A 153 3.84 1.08 -4.37
C VAL A 153 2.83 1.91 -5.16
N ILE A 154 1.58 1.45 -5.24
CA ILE A 154 0.57 2.23 -5.93
C ILE A 154 0.36 3.57 -5.21
N GLY A 155 0.33 3.56 -3.88
CA GLY A 155 0.15 4.81 -3.16
C GLY A 155 1.31 5.77 -3.38
N LEU A 156 2.52 5.22 -3.36
CA LEU A 156 3.70 6.05 -3.59
C LEU A 156 3.66 6.65 -4.99
N THR A 157 3.23 5.84 -5.95
CA THR A 157 3.12 6.28 -7.34
C THR A 157 2.15 7.44 -7.48
N LYS A 158 0.96 7.32 -6.87
CA LYS A 158 -0.03 8.40 -6.96
C LYS A 158 0.49 9.67 -6.32
N SER A 159 1.17 9.51 -5.18
CA SER A 159 1.72 10.65 -4.43
C SER A 159 2.75 11.41 -5.24
N ILE A 160 3.70 10.68 -5.82
CA ILE A 160 4.73 11.34 -6.62
C ILE A 160 4.06 12.04 -7.81
N ALA A 161 3.09 11.36 -8.43
CA ALA A 161 2.40 11.95 -9.58
C ALA A 161 1.73 13.27 -9.22
N LEU A 162 1.00 13.28 -8.12
CA LEU A 162 0.28 14.49 -7.72
C LEU A 162 1.21 15.59 -7.24
N ASP A 163 2.25 15.20 -6.51
CA ASP A 163 3.19 16.18 -5.94
C ASP A 163 4.05 16.89 -6.97
N TYR A 164 4.38 16.20 -8.06
CA TYR A 164 5.24 16.80 -9.07
C TYR A 164 4.63 17.14 -10.44
N ALA A 165 3.34 16.90 -10.62
CA ALA A 165 2.70 17.27 -11.88
C ALA A 165 2.75 18.80 -11.93
N PRO A 166 2.85 19.38 -13.14
CA PRO A 166 2.94 18.74 -14.46
C PRO A 166 4.35 18.53 -14.97
N LEU A 167 5.35 18.87 -14.18
CA LEU A 167 6.73 18.75 -14.63
C LEU A 167 7.20 17.32 -14.82
N LEU A 168 6.85 16.46 -13.87
CA LEU A 168 7.28 15.08 -13.90
C LEU A 168 6.06 14.19 -13.76
N ARG A 169 6.04 13.10 -14.53
CA ARG A 169 4.92 12.14 -14.47
C ARG A 169 5.41 10.90 -13.75
N CYS A 170 4.48 10.20 -13.10
CA CYS A 170 4.84 8.97 -12.40
C CYS A 170 3.68 7.99 -12.56
N ASN A 171 3.99 6.80 -13.06
CA ASN A 171 2.98 5.77 -13.25
C ASN A 171 3.55 4.43 -12.84
N ALA A 172 2.66 3.45 -12.75
CA ALA A 172 3.09 2.10 -12.39
C ALA A 172 2.65 1.11 -13.45
N VAL A 173 3.31 -0.05 -13.49
CA VAL A 173 2.91 -1.14 -14.37
C VAL A 173 2.56 -2.28 -13.41
N CYS A 174 1.44 -2.94 -13.67
CA CYS A 174 0.92 -4.01 -12.83
C CYS A 174 0.91 -5.34 -13.59
N PRO A 175 2.04 -6.05 -13.60
CA PRO A 175 2.06 -7.33 -14.34
C PRO A 175 1.52 -8.50 -13.56
N ALA A 176 0.95 -9.46 -14.30
CA ALA A 176 0.46 -10.69 -13.68
C ALA A 176 1.63 -11.67 -13.74
N THR A 177 1.38 -12.92 -14.12
CA THR A 177 2.48 -13.90 -14.16
C THR A 177 3.31 -13.72 -15.41
N ILE A 178 4.60 -13.47 -15.23
CA ILE A 178 5.53 -13.24 -16.33
C ILE A 178 6.65 -14.31 -16.27
N ASP A 179 7.14 -14.73 -17.43
CA ASP A 179 8.18 -15.75 -17.49
C ASP A 179 9.53 -15.16 -17.06
N THR A 180 9.86 -15.33 -15.77
CA THR A 180 11.11 -14.81 -15.23
C THR A 180 11.73 -15.83 -14.29
N PRO A 181 13.00 -15.61 -13.92
CA PRO A 181 13.66 -16.54 -13.00
C PRO A 181 12.91 -16.64 -11.67
N LEU A 182 12.39 -15.50 -11.21
CA LEU A 182 11.64 -15.46 -9.95
C LEU A 182 10.41 -16.36 -10.02
N VAL A 183 9.70 -16.30 -11.15
CA VAL A 183 8.49 -17.09 -11.32
C VAL A 183 8.82 -18.57 -11.48
N ARG A 184 9.86 -18.88 -12.25
CA ARG A 184 10.28 -20.27 -12.41
C ARG A 184 10.66 -20.84 -11.05
N LYS A 185 11.29 -20.00 -10.22
CA LYS A 185 11.70 -20.42 -8.89
C LYS A 185 10.46 -20.64 -8.03
N ALA A 186 9.46 -19.79 -8.22
CA ALA A 186 8.22 -19.92 -7.47
C ALA A 186 7.59 -21.27 -7.80
N ALA A 187 7.69 -21.67 -9.06
CA ALA A 187 7.14 -22.94 -9.52
C ALA A 187 7.96 -24.08 -8.93
N GLU A 188 9.28 -23.96 -8.98
CA GLU A 188 10.14 -25.00 -8.41
C GLU A 188 9.84 -25.22 -6.94
N LEU A 189 9.58 -24.12 -6.20
CA LEU A 189 9.27 -24.23 -4.78
C LEU A 189 8.00 -25.05 -4.56
N GLU A 190 7.24 -25.27 -5.63
CA GLU A 190 6.00 -26.04 -5.58
C GLU A 190 6.13 -27.42 -6.22
N VAL A 191 6.78 -27.51 -7.37
CA VAL A 191 6.87 -28.80 -8.07
C VAL A 191 8.25 -29.45 -8.21
N GLY A 192 9.32 -28.77 -7.83
CA GLY A 192 10.63 -29.37 -7.94
C GLY A 192 11.39 -28.91 -9.18
N SER A 193 12.56 -29.53 -9.40
CA SER A 193 13.42 -29.15 -10.52
C SER A 193 13.13 -29.77 -11.89
N ASP A 194 12.18 -30.71 -11.96
CA ASP A 194 11.88 -31.33 -13.24
C ASP A 194 11.37 -30.32 -14.27
N PRO A 195 12.18 -30.01 -15.30
CA PRO A 195 11.78 -29.05 -16.33
C PRO A 195 10.40 -29.35 -16.92
N MET A 196 10.05 -30.64 -16.92
CA MET A 196 8.76 -31.09 -17.42
C MET A 196 7.64 -30.71 -16.45
N ARG A 197 7.90 -30.90 -15.16
CA ARG A 197 6.91 -30.57 -14.14
C ARG A 197 6.82 -29.06 -13.91
N ILE A 198 7.90 -28.35 -14.20
CA ILE A 198 7.91 -26.91 -14.05
C ILE A 198 7.09 -26.29 -15.17
N GLU A 199 7.20 -26.86 -16.37
CA GLU A 199 6.46 -26.34 -17.50
C GLU A 199 4.98 -26.56 -17.26
N LYS A 200 4.66 -27.65 -16.56
CA LYS A 200 3.27 -27.97 -16.26
C LYS A 200 2.66 -26.97 -15.30
N LYS A 201 3.39 -26.65 -14.23
CA LYS A 201 2.89 -25.69 -13.25
C LYS A 201 2.75 -24.32 -13.90
N ILE A 202 3.73 -23.95 -14.72
CA ILE A 202 3.69 -22.66 -15.40
C ILE A 202 2.53 -22.63 -16.39
N SER A 203 2.30 -23.76 -17.06
CA SER A 203 1.21 -23.85 -18.03
C SER A 203 -0.12 -23.69 -17.30
N GLU A 204 -0.20 -24.25 -16.09
CA GLU A 204 -1.41 -24.16 -15.26
C GLU A 204 -1.68 -22.70 -14.97
N TRP A 205 -0.65 -21.98 -14.54
CA TRP A 205 -0.82 -20.56 -14.26
C TRP A 205 -1.23 -19.84 -15.53
N GLY A 206 -0.58 -20.15 -16.64
CA GLY A 206 -0.93 -19.50 -17.89
C GLY A 206 -2.40 -19.70 -18.26
N HIS A 207 -2.92 -20.89 -18.00
CA HIS A 207 -4.31 -21.18 -18.35
C HIS A 207 -5.31 -20.46 -17.46
N GLU A 208 -4.83 -19.91 -16.36
CA GLU A 208 -5.70 -19.15 -15.45
C GLU A 208 -5.87 -17.74 -16.01
N HIS A 209 -4.93 -17.29 -16.84
CA HIS A 209 -5.03 -15.96 -17.47
C HIS A 209 -5.89 -16.11 -18.72
N PRO A 210 -6.79 -15.15 -18.99
CA PRO A 210 -7.62 -15.29 -20.20
C PRO A 210 -6.76 -15.47 -21.47
N MET A 211 -5.58 -14.85 -21.52
CA MET A 211 -4.69 -14.99 -22.69
C MET A 211 -4.11 -16.41 -22.84
N GLN A 212 -4.37 -17.27 -21.87
CA GLN A 212 -3.95 -18.69 -21.91
C GLN A 212 -2.46 -18.97 -21.91
N ARG A 213 -1.68 -18.00 -21.44
CA ARG A 213 -0.24 -18.17 -21.34
C ARG A 213 0.21 -17.13 -20.34
N ILE A 214 1.42 -17.29 -19.82
CA ILE A 214 1.92 -16.28 -18.91
C ILE A 214 2.59 -15.25 -19.81
N GLY A 215 2.86 -14.07 -19.26
CA GLY A 215 3.45 -13.01 -20.05
C GLY A 215 4.96 -13.15 -20.25
N LYS A 216 5.51 -12.37 -21.16
CA LYS A 216 6.94 -12.36 -21.43
C LYS A 216 7.53 -11.05 -20.88
N PRO A 217 8.78 -11.08 -20.42
CA PRO A 217 9.42 -9.88 -19.89
C PRO A 217 9.35 -8.69 -20.84
N GLN A 218 9.51 -8.96 -22.14
CA GLN A 218 9.48 -7.90 -23.13
C GLN A 218 8.11 -7.23 -23.19
N GLU A 219 7.06 -7.95 -22.81
CA GLU A 219 5.72 -7.35 -22.83
C GLU A 219 5.57 -6.32 -21.72
N VAL A 220 6.19 -6.58 -20.58
CA VAL A 220 6.14 -5.63 -19.48
C VAL A 220 7.00 -4.44 -19.91
N ALA A 221 8.14 -4.74 -20.54
CA ALA A 221 9.03 -3.67 -20.96
C ALA A 221 8.37 -2.72 -21.97
N SER A 222 7.48 -3.25 -22.81
CA SER A 222 6.79 -2.39 -23.77
C SER A 222 5.91 -1.36 -23.05
N ALA A 223 5.25 -1.79 -21.98
CA ALA A 223 4.39 -0.89 -21.21
C ALA A 223 5.22 0.17 -20.50
N VAL A 224 6.37 -0.23 -20.00
CA VAL A 224 7.25 0.71 -19.32
C VAL A 224 7.76 1.79 -20.29
N ALA A 225 8.19 1.37 -21.47
CA ALA A 225 8.68 2.30 -22.47
C ALA A 225 7.58 3.28 -22.88
N PHE A 226 6.37 2.75 -23.08
CA PHE A 226 5.26 3.62 -23.43
C PHE A 226 5.01 4.66 -22.33
N LEU A 227 4.93 4.23 -21.08
CA LEU A 227 4.68 5.19 -20.00
C LEU A 227 5.80 6.19 -19.78
N ALA A 228 7.03 5.79 -20.11
CA ALA A 228 8.17 6.67 -19.92
C ALA A 228 8.26 7.70 -21.05
N SER A 229 7.64 7.40 -22.17
CA SER A 229 7.67 8.25 -23.36
C SER A 229 6.67 9.38 -23.41
N ARG A 230 6.89 10.29 -24.35
CA ARG A 230 5.96 11.41 -24.54
C ARG A 230 4.63 10.93 -25.11
N GLU A 231 4.56 9.67 -25.52
CA GLU A 231 3.31 9.11 -26.03
C GLU A 231 2.31 9.01 -24.86
N ALA A 232 2.83 9.12 -23.63
CA ALA A 232 2.00 9.05 -22.44
C ALA A 232 2.00 10.40 -21.73
N SER A 233 2.15 11.47 -22.51
CA SER A 233 2.23 12.81 -21.97
C SER A 233 1.09 13.32 -21.07
N PHE A 234 -0.10 12.73 -21.20
CA PHE A 234 -1.22 13.15 -20.35
C PHE A 234 -1.61 12.00 -19.43
N ILE A 235 -0.70 11.05 -19.24
CA ILE A 235 -0.96 9.91 -18.38
C ILE A 235 -0.07 10.00 -17.14
N THR A 236 -0.69 10.13 -15.97
CA THR A 236 0.09 10.18 -14.75
C THR A 236 -0.75 9.69 -13.56
N GLY A 237 -0.07 9.05 -12.61
CA GLY A 237 -0.74 8.52 -11.43
C GLY A 237 -1.51 7.21 -11.57
N THR A 238 -1.39 6.54 -12.72
CA THR A 238 -2.15 5.33 -12.97
C THR A 238 -1.31 4.06 -12.95
N CYS A 239 -1.96 2.90 -12.96
CA CYS A 239 -1.22 1.64 -13.12
C CYS A 239 -1.74 1.00 -14.38
N LEU A 240 -0.83 0.68 -15.30
CA LEU A 240 -1.20 0.02 -16.53
C LEU A 240 -1.06 -1.48 -16.26
N TYR A 241 -2.18 -2.19 -16.29
CA TYR A 241 -2.17 -3.62 -16.02
C TYR A 241 -1.73 -4.40 -17.23
N VAL A 242 -0.69 -5.22 -17.05
CA VAL A 242 -0.16 -6.09 -18.12
C VAL A 242 -0.38 -7.47 -17.53
N ASP A 243 -1.63 -7.92 -17.63
CA ASP A 243 -2.05 -9.14 -16.96
C ASP A 243 -2.78 -10.20 -17.77
N GLY A 244 -2.80 -10.05 -19.08
CA GLY A 244 -3.45 -11.01 -19.93
C GLY A 244 -4.92 -11.20 -19.57
N GLY A 245 -5.50 -10.20 -18.91
CA GLY A 245 -6.89 -10.23 -18.49
C GLY A 245 -7.14 -10.85 -17.13
N LEU A 246 -6.08 -11.20 -16.40
CA LEU A 246 -6.27 -11.87 -15.13
C LEU A 246 -7.15 -11.13 -14.13
N SER A 247 -6.91 -9.83 -13.97
CA SER A 247 -7.67 -9.07 -12.99
C SER A 247 -9.13 -8.83 -13.25
N ILE A 248 -9.62 -9.22 -14.43
CA ILE A 248 -11.04 -9.02 -14.71
C ILE A 248 -11.81 -10.34 -14.78
N ARG A 249 -11.11 -11.44 -14.49
CA ARG A 249 -11.72 -12.77 -14.54
C ARG A 249 -12.22 -13.36 -13.22
N ALA A 250 -13.51 -13.65 -13.14
CA ALA A 250 -14.08 -14.32 -11.97
C ALA A 250 -13.96 -15.82 -12.30
N PRO A 251 -13.40 -16.63 -11.38
CA PRO A 251 -13.23 -18.07 -11.60
C PRO A 251 -14.50 -18.90 -11.34
N ILE A 252 -15.59 -18.46 -11.96
CA ILE A 252 -16.90 -19.11 -11.80
C ILE A 252 -17.38 -19.53 -13.20
N SER A 253 -17.57 -20.83 -13.41
CA SER A 253 -18.00 -21.34 -14.70
C SER A 253 -19.42 -20.91 -15.06
N THR A 254 -19.69 -20.88 -16.36
CA THR A 254 -21.01 -20.55 -16.88
C THR A 254 -21.28 -21.60 -17.96
N PRO A 255 -22.55 -21.82 -18.31
CA PRO A 255 -22.85 -22.81 -19.34
C PRO A 255 -22.25 -22.44 -20.70
N GLU A 256 -21.77 -23.44 -21.42
CA GLU A 256 -21.17 -23.25 -22.74
C GLU A 256 -21.50 -24.41 -23.66
N GLY B 2 -28.94 -1.86 16.61
CA GLY B 2 -27.74 -2.54 17.18
C GLY B 2 -27.56 -3.96 16.67
N PHE B 3 -26.39 -4.53 16.94
CA PHE B 3 -26.07 -5.89 16.54
C PHE B 3 -25.97 -6.74 17.78
N SER B 4 -27.04 -7.48 18.06
CA SER B 4 -27.10 -8.31 19.25
C SER B 4 -25.93 -9.26 19.44
N ASP B 5 -25.29 -9.68 18.34
CA ASP B 5 -24.19 -10.61 18.45
C ASP B 5 -22.93 -9.99 19.06
N LEU B 6 -22.85 -8.66 19.07
CA LEU B 6 -21.67 -8.01 19.62
C LEU B 6 -21.67 -7.99 21.14
N ARG B 7 -22.82 -8.28 21.76
CA ARG B 7 -22.88 -8.28 23.21
C ARG B 7 -21.92 -9.30 23.82
N ASP B 8 -21.18 -8.86 24.83
CA ASP B 8 -20.23 -9.70 25.55
C ASP B 8 -19.00 -10.12 24.76
N LYS B 9 -18.90 -9.71 23.50
CA LYS B 9 -17.72 -10.07 22.72
C LYS B 9 -16.56 -9.16 23.15
N VAL B 10 -15.34 -9.71 23.13
CA VAL B 10 -14.14 -8.97 23.50
C VAL B 10 -13.66 -8.19 22.25
N VAL B 11 -13.60 -6.87 22.39
CA VAL B 11 -13.22 -5.99 21.31
C VAL B 11 -12.02 -5.12 21.68
N ILE B 12 -10.98 -5.19 20.86
CA ILE B 12 -9.76 -4.39 21.06
C ILE B 12 -9.77 -3.27 20.02
N VAL B 13 -9.53 -2.04 20.46
CA VAL B 13 -9.49 -0.91 19.54
C VAL B 13 -8.19 -0.18 19.83
N THR B 14 -7.35 0.02 18.82
CA THR B 14 -6.10 0.76 19.04
C THR B 14 -6.34 2.25 18.78
N GLY B 15 -5.57 3.09 19.46
CA GLY B 15 -5.71 4.52 19.30
C GLY B 15 -7.12 5.01 19.57
N ALA B 16 -7.70 4.54 20.68
CA ALA B 16 -9.08 4.90 21.02
C ALA B 16 -9.22 5.91 22.15
N SER B 17 -8.19 6.71 22.38
CA SER B 17 -8.27 7.70 23.44
C SER B 17 -8.90 8.99 22.93
N MET B 18 -9.01 9.13 21.62
CA MET B 18 -9.58 10.34 21.02
C MET B 18 -10.09 10.10 19.60
N GLY B 19 -10.84 11.06 19.06
CA GLY B 19 -11.35 10.98 17.69
C GLY B 19 -12.12 9.75 17.23
N ILE B 20 -11.81 9.29 16.02
CA ILE B 20 -12.48 8.13 15.45
C ILE B 20 -12.33 6.90 16.34
N GLY B 21 -11.12 6.68 16.86
CA GLY B 21 -10.88 5.54 17.71
C GLY B 21 -11.75 5.53 18.93
N ARG B 22 -11.95 6.70 19.52
CA ARG B 22 -12.79 6.79 20.70
C ARG B 22 -14.26 6.53 20.36
N ALA B 23 -14.71 7.05 19.22
CA ALA B 23 -16.09 6.87 18.79
C ALA B 23 -16.35 5.39 18.54
N ILE B 24 -15.34 4.69 18.02
CA ILE B 24 -15.47 3.26 17.76
C ILE B 24 -15.58 2.50 19.09
N ALA B 25 -14.72 2.81 20.04
CA ALA B 25 -14.76 2.12 21.33
C ALA B 25 -16.10 2.36 22.01
N GLU B 26 -16.54 3.62 21.96
CA GLU B 26 -17.81 4.01 22.57
C GLU B 26 -19.01 3.29 21.95
N ARG B 27 -18.98 3.08 20.65
CA ARG B 27 -20.07 2.37 19.97
C ARG B 27 -20.11 0.91 20.41
N PHE B 28 -18.94 0.27 20.50
CA PHE B 28 -18.92 -1.13 20.93
C PHE B 28 -19.36 -1.24 22.39
N VAL B 29 -19.06 -0.24 23.21
CA VAL B 29 -19.53 -0.31 24.59
C VAL B 29 -21.06 -0.27 24.60
N ASP B 30 -21.63 0.58 23.74
CA ASP B 30 -23.09 0.68 23.64
C ASP B 30 -23.71 -0.62 23.15
N GLU B 31 -22.95 -1.41 22.39
CA GLU B 31 -23.44 -2.69 21.88
C GLU B 31 -23.30 -3.79 22.93
N GLY B 32 -22.77 -3.44 24.10
CA GLY B 32 -22.61 -4.43 25.15
C GLY B 32 -21.32 -5.25 25.09
N SER B 33 -20.37 -4.83 24.25
CA SER B 33 -19.12 -5.57 24.16
C SER B 33 -18.20 -5.20 25.33
N LYS B 34 -17.15 -6.00 25.49
CA LYS B 34 -16.12 -5.78 26.50
C LYS B 34 -14.99 -5.17 25.66
N VAL B 35 -14.81 -3.86 25.83
CA VAL B 35 -13.85 -3.08 25.02
C VAL B 35 -12.57 -2.67 25.73
N ILE B 36 -11.44 -2.89 25.04
CA ILE B 36 -10.13 -2.51 25.57
C ILE B 36 -9.42 -1.63 24.54
N ASP B 37 -9.01 -0.44 25.01
CA ASP B 37 -8.30 0.54 24.20
C ASP B 37 -6.80 0.37 24.40
N LEU B 38 -6.07 0.19 23.29
CA LEU B 38 -4.62 0.10 23.37
C LEU B 38 -4.10 1.40 22.80
N SER B 39 -3.50 2.24 23.64
CA SER B 39 -2.97 3.51 23.19
C SER B 39 -1.91 4.02 24.16
N ILE B 40 -1.08 4.95 23.71
CA ILE B 40 -0.05 5.49 24.58
C ILE B 40 -0.62 6.61 25.44
N HIS B 41 -1.83 7.04 25.12
CA HIS B 41 -2.48 8.11 25.87
C HIS B 41 -3.62 7.61 26.74
N ASP B 42 -3.79 8.24 27.90
CA ASP B 42 -4.86 7.87 28.81
C ASP B 42 -6.14 8.53 28.31
N PRO B 43 -7.19 7.75 28.05
CA PRO B 43 -8.45 8.32 27.57
C PRO B 43 -9.20 9.04 28.69
N GLY B 44 -8.63 8.99 29.89
CA GLY B 44 -9.25 9.63 31.03
C GLY B 44 -10.54 8.92 31.37
N GLU B 45 -11.55 9.68 31.79
CA GLU B 45 -12.84 9.12 32.14
C GLU B 45 -13.43 8.49 30.87
N ALA B 46 -13.68 7.18 30.92
CA ALA B 46 -14.23 6.47 29.77
C ALA B 46 -14.94 5.20 30.22
N LYS B 47 -15.97 4.81 29.48
CA LYS B 47 -16.76 3.62 29.80
C LYS B 47 -16.08 2.33 29.34
N TYR B 48 -14.89 2.44 28.77
CA TYR B 48 -14.16 1.26 28.30
C TYR B 48 -12.81 1.17 28.98
N ASP B 49 -12.24 -0.03 28.99
CA ASP B 49 -10.93 -0.25 29.59
C ASP B 49 -9.83 0.30 28.69
N HIS B 50 -8.66 0.54 29.30
CA HIS B 50 -7.51 1.06 28.57
C HIS B 50 -6.21 0.48 29.08
N ILE B 51 -5.30 0.19 28.15
CA ILE B 51 -3.98 -0.34 28.49
C ILE B 51 -2.95 0.55 27.82
N GLU B 52 -1.93 0.94 28.58
CA GLU B 52 -0.86 1.78 28.06
C GLU B 52 -0.10 0.91 27.09
N CYS B 53 -0.11 1.28 25.81
CA CYS B 53 0.58 0.45 24.83
C CYS B 53 0.95 1.21 23.57
N ASP B 54 2.20 1.05 23.14
CA ASP B 54 2.72 1.68 21.92
C ASP B 54 2.61 0.61 20.84
N VAL B 55 1.71 0.83 19.87
CA VAL B 55 1.48 -0.13 18.79
C VAL B 55 2.68 -0.42 17.92
N THR B 56 3.71 0.42 17.98
CA THR B 56 4.87 0.19 17.15
C THR B 56 5.93 -0.60 17.91
N ASN B 57 5.61 -1.00 19.14
CA ASN B 57 6.54 -1.78 19.97
C ASN B 57 5.97 -3.18 20.07
N PRO B 58 6.49 -4.14 19.28
CA PRO B 58 5.97 -5.50 19.33
C PRO B 58 5.92 -6.16 20.70
N ASP B 59 6.92 -5.89 21.53
CA ASP B 59 6.93 -6.47 22.88
C ASP B 59 5.74 -5.98 23.70
N GLN B 60 5.42 -4.69 23.59
CA GLN B 60 4.30 -4.11 24.31
C GLN B 60 2.98 -4.63 23.74
N VAL B 61 2.89 -4.72 22.41
CA VAL B 61 1.67 -5.20 21.76
C VAL B 61 1.38 -6.64 22.16
N LYS B 62 2.37 -7.51 22.03
CA LYS B 62 2.20 -8.91 22.40
C LYS B 62 1.79 -9.04 23.87
N ALA B 63 2.44 -8.28 24.74
CA ALA B 63 2.10 -8.36 26.17
C ALA B 63 0.69 -7.89 26.47
N SER B 64 0.25 -6.82 25.81
CA SER B 64 -1.08 -6.28 26.02
C SER B 64 -2.15 -7.25 25.55
N ILE B 65 -1.90 -7.88 24.40
CA ILE B 65 -2.86 -8.83 23.84
C ILE B 65 -2.93 -10.07 24.73
N ASP B 66 -1.82 -10.39 25.39
CA ASP B 66 -1.81 -11.52 26.32
C ASP B 66 -2.61 -11.17 27.57
N HIS B 67 -2.46 -9.94 28.04
CA HIS B 67 -3.20 -9.50 29.23
C HIS B 67 -4.69 -9.54 28.95
N ILE B 68 -5.07 -9.22 27.72
CA ILE B 68 -6.47 -9.22 27.36
C ILE B 68 -7.07 -10.63 27.23
N PHE B 69 -6.35 -11.52 26.56
CA PHE B 69 -6.85 -12.88 26.38
C PHE B 69 -6.96 -13.67 27.67
N LYS B 70 -5.95 -13.56 28.52
CA LYS B 70 -5.98 -14.27 29.79
C LYS B 70 -7.03 -13.70 30.74
N GLU B 71 -7.22 -12.38 30.71
CA GLU B 71 -8.19 -11.73 31.57
C GLU B 71 -9.65 -11.92 31.12
N TYR B 72 -9.88 -11.81 29.81
CA TYR B 72 -11.23 -11.92 29.25
C TYR B 72 -11.63 -13.29 28.69
N GLY B 73 -10.65 -14.13 28.36
CA GLY B 73 -10.93 -15.47 27.86
C GLY B 73 -11.04 -15.64 26.35
N SER B 74 -11.01 -14.54 25.61
CA SER B 74 -11.11 -14.60 24.17
C SER B 74 -10.87 -13.22 23.60
N ILE B 75 -10.77 -13.15 22.28
CA ILE B 75 -10.63 -11.90 21.54
C ILE B 75 -11.43 -12.17 20.28
N SER B 76 -12.53 -11.44 20.10
CA SER B 76 -13.38 -11.62 18.93
C SER B 76 -13.21 -10.58 17.85
N VAL B 77 -12.88 -9.36 18.26
CA VAL B 77 -12.72 -8.27 17.30
C VAL B 77 -11.50 -7.42 17.57
N LEU B 78 -10.74 -7.13 16.51
CA LEU B 78 -9.60 -6.23 16.63
C LEU B 78 -9.84 -5.12 15.60
N VAL B 79 -9.86 -3.89 16.08
CA VAL B 79 -10.02 -2.72 15.22
C VAL B 79 -8.68 -1.98 15.25
N ASN B 80 -7.95 -2.02 14.14
CA ASN B 80 -6.68 -1.29 14.05
C ASN B 80 -7.05 0.11 13.58
N ASN B 81 -6.74 1.13 14.39
CA ASN B 81 -7.07 2.50 14.08
C ASN B 81 -5.93 3.50 14.30
N ALA B 82 -5.08 3.24 15.28
CA ALA B 82 -3.96 4.12 15.58
C ALA B 82 -3.20 4.59 14.32
N GLY B 83 -3.03 5.90 14.20
CA GLY B 83 -2.33 6.45 13.04
C GLY B 83 -1.89 7.89 13.23
N ILE B 84 -1.16 8.43 12.25
CA ILE B 84 -0.65 9.80 12.29
C ILE B 84 -0.46 10.39 10.88
N GLU B 85 -0.23 11.70 10.81
CA GLU B 85 0.03 12.35 9.54
C GLU B 85 0.79 13.68 9.66
N SER B 86 1.81 13.84 8.83
CA SER B 86 2.57 15.08 8.75
C SER B 86 2.73 15.30 7.24
N TYR B 87 3.02 16.53 6.83
CA TYR B 87 3.10 16.87 5.42
C TYR B 87 4.47 17.25 4.89
N GLY B 88 4.66 17.04 3.59
CA GLY B 88 5.92 17.38 2.97
C GLY B 88 6.16 16.56 1.73
N LYS B 89 6.87 17.13 0.76
CA LYS B 89 7.18 16.40 -0.45
C LYS B 89 8.27 15.41 -0.12
N ILE B 90 8.35 14.34 -0.90
CA ILE B 90 9.32 13.29 -0.70
C ILE B 90 10.71 13.91 -0.53
N GLU B 91 10.88 15.11 -1.10
CA GLU B 91 12.14 15.82 -1.04
C GLU B 91 12.47 16.54 0.27
N SER B 92 11.44 17.10 0.90
CA SER B 92 11.64 17.85 2.13
C SER B 92 11.51 17.04 3.41
N MET B 93 10.50 16.19 3.49
CA MET B 93 10.30 15.37 4.69
C MET B 93 11.53 14.50 4.91
N SER B 94 11.98 14.44 6.17
CA SER B 94 13.14 13.63 6.52
C SER B 94 12.77 12.18 6.33
N MET B 95 13.78 11.36 6.05
CA MET B 95 13.54 9.94 5.87
C MET B 95 13.02 9.35 7.17
N GLY B 96 13.51 9.87 8.30
CA GLY B 96 13.06 9.37 9.59
C GLY B 96 11.58 9.59 9.82
N GLU B 97 11.05 10.75 9.45
CA GLU B 97 9.65 11.06 9.64
C GLU B 97 8.81 10.23 8.67
N TRP B 98 9.34 10.03 7.48
CA TRP B 98 8.61 9.25 6.47
C TRP B 98 8.48 7.81 6.97
N ARG B 99 9.58 7.24 7.44
CA ARG B 99 9.57 5.87 7.96
C ARG B 99 8.64 5.75 9.17
N ARG B 100 8.64 6.76 10.04
N ARG B 100 8.64 6.76 10.04
CA ARG B 100 7.81 6.75 11.24
CA ARG B 100 7.81 6.74 11.23
C ARG B 100 6.33 6.64 10.89
C ARG B 100 6.33 6.62 10.88
N ILE B 101 5.88 7.38 9.88
CA ILE B 101 4.48 7.33 9.47
C ILE B 101 4.16 5.91 8.99
N ILE B 102 5.09 5.30 8.27
CA ILE B 102 4.86 3.93 7.81
C ILE B 102 4.84 3.00 9.03
N ASP B 103 5.73 3.24 10.01
CA ASP B 103 5.78 2.39 11.19
C ASP B 103 4.47 2.40 11.99
N VAL B 104 3.93 3.59 12.22
CA VAL B 104 2.69 3.69 12.99
C VAL B 104 1.47 3.22 12.20
N ASN B 105 1.30 3.75 10.99
CA ASN B 105 0.13 3.46 10.18
C ASN B 105 0.05 2.07 9.55
N LEU B 106 1.21 1.45 9.30
CA LEU B 106 1.24 0.12 8.73
C LEU B 106 1.77 -0.92 9.69
N PHE B 107 2.99 -0.74 10.20
CA PHE B 107 3.53 -1.77 11.07
C PHE B 107 2.73 -1.95 12.35
N GLY B 108 2.11 -0.87 12.85
CA GLY B 108 1.29 -0.99 14.04
C GLY B 108 0.13 -1.95 13.77
N TYR B 109 -0.46 -1.86 12.59
CA TYR B 109 -1.56 -2.75 12.21
C TYR B 109 -1.05 -4.18 12.07
N TYR B 110 0.15 -4.33 11.49
CA TYR B 110 0.77 -5.63 11.30
C TYR B 110 1.08 -6.28 12.66
N TYR B 111 1.69 -5.54 13.57
CA TYR B 111 1.99 -6.14 14.88
C TYR B 111 0.73 -6.55 15.64
N ALA B 112 -0.26 -5.67 15.75
CA ALA B 112 -1.48 -6.02 16.50
C ALA B 112 -2.17 -7.22 15.87
N SER B 113 -2.23 -7.26 14.54
CA SER B 113 -2.87 -8.36 13.85
C SER B 113 -2.08 -9.66 14.05
N LYS B 114 -0.77 -9.58 13.89
CA LYS B 114 0.07 -10.75 14.05
C LYS B 114 -0.08 -11.42 15.40
N PHE B 115 -0.14 -10.64 16.46
CA PHE B 115 -0.23 -11.24 17.79
C PHE B 115 -1.64 -11.58 18.22
N ALA B 116 -2.64 -10.90 17.68
CA ALA B 116 -4.02 -11.20 18.07
C ALA B 116 -4.61 -12.38 17.31
N ILE B 117 -4.22 -12.54 16.06
CA ILE B 117 -4.79 -13.61 15.25
C ILE B 117 -4.81 -15.02 15.86
N PRO B 118 -3.69 -15.48 16.44
CA PRO B 118 -3.66 -16.83 17.05
C PRO B 118 -4.72 -17.00 18.12
N TYR B 119 -5.04 -15.92 18.84
CA TYR B 119 -6.05 -15.99 19.88
C TYR B 119 -7.43 -15.87 19.25
N MET B 120 -7.58 -14.91 18.33
CA MET B 120 -8.86 -14.71 17.68
C MET B 120 -9.42 -15.94 16.98
N ILE B 121 -8.56 -16.71 16.33
CA ILE B 121 -9.06 -17.89 15.61
C ILE B 121 -9.56 -19.01 16.52
N ARG B 122 -9.38 -18.85 17.83
CA ARG B 122 -9.86 -19.84 18.79
C ARG B 122 -11.28 -19.51 19.21
N SER B 123 -11.79 -18.37 18.76
CA SER B 123 -13.14 -17.96 19.08
C SER B 123 -13.96 -18.16 17.81
N ARG B 124 -15.28 -18.08 17.87
CA ARG B 124 -16.06 -18.29 16.67
C ARG B 124 -16.32 -17.00 15.90
N ASP B 125 -16.11 -17.06 14.59
CA ASP B 125 -16.30 -15.93 13.71
C ASP B 125 -15.70 -14.60 14.13
N PRO B 126 -14.39 -14.61 14.39
CA PRO B 126 -13.67 -13.39 14.79
C PRO B 126 -13.57 -12.49 13.55
N SER B 127 -13.31 -11.21 13.78
N SER B 127 -13.35 -11.19 13.79
CA SER B 127 -13.17 -10.29 12.67
CA SER B 127 -13.29 -10.22 12.70
C SER B 127 -12.23 -9.15 13.01
C SER B 127 -12.33 -9.06 12.99
N ILE B 128 -11.52 -8.69 11.99
CA ILE B 128 -10.58 -7.58 12.15
C ILE B 128 -11.09 -6.48 11.24
N VAL B 129 -11.08 -5.23 11.74
CA VAL B 129 -11.48 -4.09 10.90
C VAL B 129 -10.32 -3.10 10.94
N ASN B 130 -9.77 -2.77 9.77
CA ASN B 130 -8.65 -1.84 9.69
C ASN B 130 -9.12 -0.50 9.19
N ILE B 131 -8.75 0.57 9.88
CA ILE B 131 -9.14 1.89 9.41
C ILE B 131 -8.10 2.39 8.39
N SER B 132 -8.53 2.49 7.14
CA SER B 132 -7.66 2.99 6.08
C SER B 132 -8.06 4.45 5.83
N SER B 133 -8.42 4.80 4.60
CA SER B 133 -8.79 6.18 4.29
C SER B 133 -9.35 6.23 2.87
N VAL B 134 -10.11 7.28 2.57
CA VAL B 134 -10.58 7.48 1.20
C VAL B 134 -9.32 7.66 0.34
N GLN B 135 -8.19 8.02 0.98
CA GLN B 135 -6.95 8.21 0.25
C GLN B 135 -6.26 6.90 -0.16
N ALA B 136 -6.97 5.79 0.02
CA ALA B 136 -6.50 4.52 -0.51
C ALA B 136 -6.93 4.59 -2.00
N SER B 137 -7.73 5.59 -2.36
N SER B 137 -7.73 5.59 -2.35
CA SER B 137 -8.17 5.75 -3.75
CA SER B 137 -8.19 5.76 -3.73
C SER B 137 -7.83 7.14 -4.31
C SER B 137 -7.82 7.14 -4.29
N ILE B 138 -8.49 8.17 -3.80
CA ILE B 138 -8.22 9.54 -4.24
C ILE B 138 -7.36 10.22 -3.17
N ILE B 139 -6.28 10.85 -3.61
CA ILE B 139 -5.31 11.36 -2.64
C ILE B 139 -5.07 12.85 -2.59
N THR B 140 -4.36 13.26 -1.54
CA THR B 140 -4.04 14.66 -1.35
C THR B 140 -2.55 14.90 -1.62
N LYS B 141 -2.19 16.17 -1.76
CA LYS B 141 -0.82 16.56 -2.07
C LYS B 141 0.04 16.69 -0.82
N ASN B 142 1.34 16.48 -1.00
CA ASN B 142 2.32 16.58 0.07
C ASN B 142 2.05 15.65 1.22
N ALA B 143 1.52 14.47 0.89
CA ALA B 143 1.19 13.47 1.90
C ALA B 143 1.64 12.07 1.49
N SER B 144 2.78 11.97 0.82
CA SER B 144 3.23 10.66 0.33
C SER B 144 3.34 9.56 1.38
N ALA B 145 3.93 9.81 2.54
CA ALA B 145 4.03 8.73 3.53
C ALA B 145 2.64 8.29 3.99
N TYR B 146 1.78 9.25 4.25
CA TYR B 146 0.43 8.94 4.70
C TYR B 146 -0.32 8.16 3.64
N VAL B 147 -0.30 8.66 2.41
CA VAL B 147 -1.00 8.00 1.31
C VAL B 147 -0.47 6.59 1.08
N THR B 148 0.84 6.43 1.12
CA THR B 148 1.44 5.14 0.91
C THR B 148 0.97 4.17 2.01
N SER B 149 1.02 4.64 3.26
CA SER B 149 0.61 3.79 4.37
C SER B 149 -0.84 3.33 4.25
N LYS B 150 -1.72 4.21 3.77
CA LYS B 150 -3.14 3.85 3.68
C LYS B 150 -3.39 2.84 2.57
N HIS B 151 -2.63 2.95 1.48
CA HIS B 151 -2.73 1.97 0.40
C HIS B 151 -2.19 0.64 0.97
N ALA B 152 -1.09 0.72 1.73
CA ALA B 152 -0.50 -0.50 2.30
C ALA B 152 -1.52 -1.23 3.20
N VAL B 153 -2.29 -0.47 3.97
CA VAL B 153 -3.29 -1.05 4.85
C VAL B 153 -4.28 -1.89 4.04
N ILE B 154 -4.63 -1.43 2.84
CA ILE B 154 -5.56 -2.21 2.02
C ILE B 154 -4.94 -3.55 1.65
N GLY B 155 -3.67 -3.55 1.28
CA GLY B 155 -3.02 -4.81 0.93
C GLY B 155 -2.97 -5.74 2.13
N LEU B 156 -2.67 -5.20 3.30
CA LEU B 156 -2.59 -6.01 4.52
C LEU B 156 -3.95 -6.63 4.80
N THR B 157 -4.99 -5.83 4.61
CA THR B 157 -6.37 -6.27 4.83
C THR B 157 -6.75 -7.42 3.92
N LYS B 158 -6.48 -7.28 2.63
CA LYS B 158 -6.82 -8.34 1.68
C LYS B 158 -6.07 -9.63 2.00
N SER B 159 -4.78 -9.51 2.35
N SER B 159 -4.79 -9.51 2.35
CA SER B 159 -3.98 -10.69 2.64
CA SER B 159 -3.99 -10.68 2.67
C SER B 159 -4.43 -11.40 3.91
C SER B 159 -4.47 -11.41 3.89
N ILE B 160 -4.79 -10.68 4.96
CA ILE B 160 -5.27 -11.35 6.17
C ILE B 160 -6.60 -12.00 5.81
N ALA B 161 -7.44 -11.30 5.04
CA ALA B 161 -8.74 -11.88 4.66
C ALA B 161 -8.56 -13.18 3.89
N LEU B 162 -7.66 -13.19 2.91
CA LEU B 162 -7.44 -14.39 2.11
C LEU B 162 -6.76 -15.53 2.86
N ASP B 163 -5.79 -15.19 3.70
CA ASP B 163 -5.05 -16.23 4.43
C ASP B 163 -5.83 -16.89 5.56
N TYR B 164 -6.82 -16.20 6.11
CA TYR B 164 -7.58 -16.75 7.23
C TYR B 164 -9.06 -17.05 7.03
N ALA B 165 -9.56 -16.82 5.82
CA ALA B 165 -10.97 -17.17 5.55
C ALA B 165 -10.96 -18.71 5.58
N PRO B 166 -12.09 -19.32 5.98
CA PRO B 166 -13.34 -18.72 6.40
C PRO B 166 -13.49 -18.45 7.88
N LEU B 167 -12.51 -18.88 8.68
CA LEU B 167 -12.67 -18.69 10.11
C LEU B 167 -12.68 -17.26 10.58
N LEU B 168 -11.83 -16.42 10.00
CA LEU B 168 -11.74 -15.04 10.42
C LEU B 168 -11.93 -14.14 9.21
N ARG B 169 -12.66 -13.04 9.40
CA ARG B 169 -12.87 -12.07 8.34
C ARG B 169 -12.02 -10.84 8.61
N CYS B 170 -11.61 -10.17 7.55
CA CYS B 170 -10.83 -8.95 7.73
C CYS B 170 -11.26 -7.96 6.63
N ASN B 171 -11.66 -6.77 7.05
CA ASN B 171 -12.10 -5.70 6.15
C ASN B 171 -11.54 -4.37 6.63
N ALA B 172 -11.64 -3.35 5.76
CA ALA B 172 -11.19 -2.02 6.11
C ALA B 172 -12.34 -1.02 5.94
N VAL B 173 -12.22 0.13 6.58
CA VAL B 173 -13.19 1.21 6.43
C VAL B 173 -12.33 2.35 5.87
N CYS B 174 -12.83 3.00 4.84
CA CYS B 174 -12.13 4.09 4.14
C CYS B 174 -12.85 5.42 4.30
N PRO B 175 -12.61 6.13 5.41
CA PRO B 175 -13.26 7.42 5.65
C PRO B 175 -12.65 8.60 4.90
N ALA B 176 -13.50 9.55 4.52
CA ALA B 176 -13.01 10.77 3.89
C ALA B 176 -12.79 11.77 5.06
N THR B 177 -13.16 13.04 4.87
CA THR B 177 -12.93 14.01 5.95
C THR B 177 -13.92 13.84 7.09
N ILE B 178 -13.40 13.59 8.29
CA ILE B 178 -14.23 13.37 9.47
C ILE B 178 -13.88 14.40 10.54
N ASP B 179 -14.87 14.82 11.32
CA ASP B 179 -14.61 15.82 12.35
C ASP B 179 -13.81 15.19 13.49
N THR B 180 -12.50 15.40 13.47
CA THR B 180 -11.60 14.86 14.48
C THR B 180 -10.53 15.90 14.81
N PRO B 181 -9.80 15.70 15.92
CA PRO B 181 -8.76 16.68 16.26
C PRO B 181 -7.68 16.73 15.17
N LEU B 182 -7.36 15.58 14.59
CA LEU B 182 -6.35 15.53 13.55
C LEU B 182 -6.75 16.35 12.33
N VAL B 183 -8.05 16.35 12.02
CA VAL B 183 -8.54 17.13 10.88
C VAL B 183 -8.53 18.62 11.24
N ARG B 184 -8.68 18.92 12.53
CA ARG B 184 -8.64 20.31 12.95
C ARG B 184 -7.20 20.80 12.96
N LYS B 185 -6.26 19.90 13.20
CA LYS B 185 -4.85 20.27 13.18
C LYS B 185 -4.48 20.55 11.72
N ALA B 186 -5.03 19.75 10.81
CA ALA B 186 -4.75 19.94 9.40
C ALA B 186 -5.22 21.31 8.93
N ALA B 187 -6.39 21.74 9.40
CA ALA B 187 -6.92 23.04 9.01
C ALA B 187 -6.05 24.16 9.57
N GLU B 188 -5.65 24.01 10.83
CA GLU B 188 -4.82 25.01 11.49
C GLU B 188 -3.48 25.21 10.77
N LEU B 189 -2.89 24.12 10.31
CA LEU B 189 -1.61 24.17 9.61
C LEU B 189 -1.73 24.94 8.30
N GLU B 190 -2.97 25.21 7.90
CA GLU B 190 -3.25 25.93 6.66
C GLU B 190 -3.75 27.37 6.87
N VAL B 191 -4.67 27.54 7.82
CA VAL B 191 -5.25 28.85 8.06
C VAL B 191 -4.95 29.48 9.41
N GLY B 192 -4.03 28.90 10.16
CA GLY B 192 -3.69 29.45 11.45
C GLY B 192 -4.52 28.88 12.58
N SER B 193 -4.33 29.42 13.78
CA SER B 193 -5.05 28.95 14.95
C SER B 193 -6.40 29.63 15.20
N ASP B 194 -6.78 30.57 14.34
CA ASP B 194 -8.06 31.24 14.50
C ASP B 194 -9.19 30.21 14.36
N PRO B 195 -9.89 29.91 15.46
CA PRO B 195 -10.98 28.92 15.40
C PRO B 195 -12.07 29.18 14.37
N MET B 196 -12.35 30.45 14.07
CA MET B 196 -13.39 30.79 13.09
C MET B 196 -12.92 30.50 11.67
N ARG B 197 -11.66 30.82 11.38
CA ARG B 197 -11.12 30.57 10.05
C ARG B 197 -11.03 29.05 9.86
N ILE B 198 -10.73 28.34 10.93
CA ILE B 198 -10.63 26.89 10.87
C ILE B 198 -12.00 26.32 10.50
N GLU B 199 -13.06 26.94 11.01
CA GLU B 199 -14.41 26.49 10.71
C GLU B 199 -14.73 26.73 9.24
N LYS B 200 -14.25 27.84 8.70
CA LYS B 200 -14.49 28.15 7.29
C LYS B 200 -13.78 27.13 6.41
N LYS B 201 -12.57 26.76 6.80
CA LYS B 201 -11.78 25.79 6.06
C LYS B 201 -12.47 24.43 6.08
N ILE B 202 -12.93 24.02 7.26
CA ILE B 202 -13.62 22.74 7.41
C ILE B 202 -14.89 22.76 6.57
N SER B 203 -15.57 23.90 6.51
CA SER B 203 -16.77 24.01 5.71
C SER B 203 -16.45 23.87 4.22
N GLU B 204 -15.31 24.41 3.79
CA GLU B 204 -14.89 24.30 2.40
C GLU B 204 -14.72 22.82 2.07
N TRP B 205 -14.06 22.09 2.96
CA TRP B 205 -13.84 20.67 2.72
C TRP B 205 -15.18 19.95 2.69
N GLY B 206 -16.06 20.31 3.62
CA GLY B 206 -17.37 19.67 3.64
C GLY B 206 -18.11 19.87 2.33
N HIS B 207 -18.04 21.07 1.78
CA HIS B 207 -18.74 21.35 0.53
C HIS B 207 -18.13 20.62 -0.67
N GLU B 208 -16.93 20.06 -0.51
CA GLU B 208 -16.32 19.30 -1.60
C GLU B 208 -16.91 17.88 -1.61
N HIS B 209 -17.49 17.46 -0.49
CA HIS B 209 -18.09 16.12 -0.42
C HIS B 209 -19.51 16.25 -0.94
N PRO B 210 -20.00 15.28 -1.71
CA PRO B 210 -21.37 15.41 -2.21
C PRO B 210 -22.38 15.61 -1.07
N MET B 211 -22.11 15.00 0.08
CA MET B 211 -23.04 15.14 1.21
C MET B 211 -23.03 16.55 1.82
N GLN B 212 -22.18 17.42 1.29
CA GLN B 212 -22.09 18.83 1.71
C GLN B 212 -21.68 19.13 3.15
N ARG B 213 -21.01 18.18 3.78
CA ARG B 213 -20.54 18.33 5.14
C ARG B 213 -19.47 17.28 5.35
N ILE B 214 -18.66 17.43 6.39
CA ILE B 214 -17.65 16.41 6.68
C ILE B 214 -18.38 15.37 7.53
N GLY B 215 -17.78 14.19 7.65
CA GLY B 215 -18.39 13.12 8.41
C GLY B 215 -18.21 13.22 9.91
N LYS B 216 -18.96 12.41 10.64
CA LYS B 216 -18.87 12.40 12.11
C LYS B 216 -18.21 11.11 12.53
N PRO B 217 -17.40 11.14 13.60
CA PRO B 217 -16.72 9.94 14.08
C PRO B 217 -17.68 8.77 14.26
N GLN B 218 -18.89 9.06 14.74
CA GLN B 218 -19.88 8.00 14.97
C GLN B 218 -20.30 7.31 13.68
N GLU B 219 -20.21 8.01 12.57
CA GLU B 219 -20.59 7.44 11.28
C GLU B 219 -19.54 6.41 10.85
N VAL B 220 -18.29 6.66 11.20
CA VAL B 220 -17.26 5.69 10.89
C VAL B 220 -17.49 4.50 11.82
N ALA B 221 -17.84 4.79 13.08
CA ALA B 221 -18.06 3.72 14.05
C ALA B 221 -19.19 2.79 13.63
N SER B 222 -20.22 3.33 13.01
CA SER B 222 -21.35 2.51 12.54
C SER B 222 -20.87 1.49 11.53
N ALA B 223 -20.00 1.94 10.62
CA ALA B 223 -19.46 1.04 9.59
C ALA B 223 -18.59 -0.06 10.21
N VAL B 224 -17.78 0.31 11.19
CA VAL B 224 -16.93 -0.65 11.87
C VAL B 224 -17.75 -1.71 12.61
N ALA B 225 -18.77 -1.26 13.34
CA ALA B 225 -19.63 -2.19 14.06
C ALA B 225 -20.32 -3.15 13.10
N PHE B 226 -20.80 -2.63 11.97
CA PHE B 226 -21.44 -3.50 10.98
C PHE B 226 -20.47 -4.60 10.48
N LEU B 227 -19.27 -4.22 10.06
CA LEU B 227 -18.28 -5.15 9.56
C LEU B 227 -17.80 -6.15 10.60
N ALA B 228 -17.82 -5.74 11.87
CA ALA B 228 -17.39 -6.62 12.95
C ALA B 228 -18.46 -7.63 13.31
N SER B 229 -19.70 -7.31 12.95
CA SER B 229 -20.85 -8.16 13.28
C SER B 229 -21.16 -9.31 12.33
N ARG B 230 -22.03 -10.20 12.80
CA ARG B 230 -22.46 -11.33 12.00
C ARG B 230 -23.29 -10.87 10.80
N GLU B 231 -23.74 -9.62 10.83
CA GLU B 231 -24.53 -9.07 9.72
C GLU B 231 -23.63 -8.99 8.48
N ALA B 232 -22.32 -9.02 8.69
CA ALA B 232 -21.36 -8.96 7.59
C ALA B 232 -20.66 -10.30 7.41
N SER B 233 -21.35 -11.39 7.74
CA SER B 233 -20.79 -12.72 7.66
C SER B 233 -20.20 -13.20 6.34
N PHE B 234 -20.65 -12.64 5.21
CA PHE B 234 -20.09 -13.04 3.92
C PHE B 234 -19.30 -11.87 3.31
N ILE B 235 -18.87 -10.94 4.16
CA ILE B 235 -18.12 -9.79 3.67
C ILE B 235 -16.70 -9.88 4.21
N THR B 236 -15.75 -10.04 3.31
CA THR B 236 -14.34 -10.08 3.71
C THR B 236 -13.43 -9.59 2.58
N GLY B 237 -12.33 -8.96 3.00
CA GLY B 237 -11.33 -8.43 2.10
C GLY B 237 -11.64 -7.12 1.41
N THR B 238 -12.72 -6.46 1.83
CA THR B 238 -13.14 -5.22 1.17
C THR B 238 -12.89 -3.96 1.99
N CYS B 239 -13.05 -2.79 1.35
CA CYS B 239 -13.00 -1.54 2.12
C CYS B 239 -14.35 -0.90 1.94
N LEU B 240 -15.00 -0.60 3.05
CA LEU B 240 -16.27 0.10 3.02
C LEU B 240 -15.97 1.60 3.08
N TYR B 241 -16.29 2.31 2.01
CA TYR B 241 -16.04 3.74 1.94
C TYR B 241 -17.10 4.54 2.67
N VAL B 242 -16.67 5.34 3.65
CA VAL B 242 -17.57 6.19 4.43
C VAL B 242 -17.03 7.58 4.07
N ASP B 243 -17.38 8.02 2.86
CA ASP B 243 -16.83 9.26 2.34
C ASP B 243 -17.81 10.31 1.84
N GLY B 244 -19.09 10.15 2.16
CA GLY B 244 -20.05 11.13 1.70
C GLY B 244 -20.08 11.34 0.20
N GLY B 245 -19.57 10.34 -0.52
CA GLY B 245 -19.52 10.37 -1.98
C GLY B 245 -18.26 10.98 -2.57
N LEU B 246 -17.30 11.35 -1.72
CA LEU B 246 -16.11 12.01 -2.24
C LEU B 246 -15.36 11.28 -3.34
N SER B 247 -15.18 9.97 -3.19
CA SER B 247 -14.41 9.22 -4.17
C SER B 247 -15.07 8.98 -5.52
N ILE B 248 -16.35 9.32 -5.66
CA ILE B 248 -16.95 9.13 -6.96
C ILE B 248 -17.20 10.46 -7.66
N ARG B 249 -16.76 11.56 -7.05
CA ARG B 249 -16.99 12.88 -7.62
C ARG B 249 -15.83 13.47 -8.42
N ALA B 250 -16.07 13.79 -9.69
CA ALA B 250 -15.06 14.47 -10.50
C ALA B 250 -15.30 15.97 -10.22
N PRO B 251 -14.24 16.73 -9.97
CA PRO B 251 -14.37 18.17 -9.69
C PRO B 251 -14.55 19.01 -10.95
N ILE B 252 -15.37 18.52 -11.86
CA ILE B 252 -15.63 19.18 -13.14
C ILE B 252 -17.09 19.61 -13.21
N SER B 253 -17.32 20.92 -13.32
CA SER B 253 -18.67 21.46 -13.40
C SER B 253 -19.41 21.05 -14.67
N THR B 254 -20.73 21.07 -14.60
CA THR B 254 -21.59 20.75 -15.75
C THR B 254 -22.74 21.77 -15.69
N PRO B 255 -23.49 21.92 -16.79
CA PRO B 255 -24.62 22.85 -16.84
C PRO B 255 -25.70 22.51 -15.82
N GLU B 256 -26.25 23.54 -15.18
CA GLU B 256 -27.30 23.36 -14.19
C GLU B 256 -28.52 24.20 -14.57
#